data_1I2A
#
_entry.id   1I2A
#
_cell.length_a   33.577
_cell.length_b   38.881
_cell.length_c   54.936
_cell.angle_alpha   83.32
_cell.angle_beta   80.14
_cell.angle_gamma   74.72
#
_symmetry.space_group_name_H-M   'P 1'
#
loop_
_entity.id
_entity.type
_entity.pdbx_description
1 polymer '50S RIBOSOMAL PROTEIN L1P'
2 non-polymer PENTANAL
3 water water
#
_entity_poly.entity_id   1
_entity_poly.type   'polypeptide(L)'
_entity_poly.pdbx_seq_one_letter_code
;MDREALLQAVKEARELAKPRNFTQSFEFIATLKEIDMRKPENRIKTEVVLPHGRGKEAKIAVIGTGDLAKQAEELGLTVI
RKEEIEELGKNKRKLRKIAKAHDFFIAQADLMPLIGRYMGVILGPRGKMPKPVPANANIKPLVERLKKTVVINTRDKPYF
QVLVGNEKMTDEQIVDNIEAVLNVVAKKYEKGLYHIKDAYVKLTMGPAVKVKKEKAKKK
;
_entity_poly.pdbx_strand_id   A
#
loop_
_chem_comp.id
_chem_comp.type
_chem_comp.name
_chem_comp.formula
PTL non-polymer PENTANAL 'C5 H10 O'
#
# COMPACT_ATOMS: atom_id res chain seq x y z
N MET A 1 7.54 22.48 5.04
CA MET A 1 7.50 21.49 3.93
C MET A 1 8.88 20.84 3.75
N ASP A 2 9.88 21.44 4.38
CA ASP A 2 11.24 20.93 4.29
C ASP A 2 11.40 19.71 5.18
N ARG A 3 12.56 19.07 5.09
CA ARG A 3 12.84 17.87 5.86
C ARG A 3 12.83 18.12 7.38
N GLU A 4 13.41 19.23 7.81
CA GLU A 4 13.45 19.54 9.24
C GLU A 4 12.06 19.60 9.84
N ALA A 5 11.13 20.23 9.13
CA ALA A 5 9.75 20.36 9.60
C ALA A 5 9.10 18.97 9.66
N LEU A 6 9.46 18.11 8.72
CA LEU A 6 8.90 16.74 8.71
C LEU A 6 9.51 15.99 9.88
N LEU A 7 10.81 16.19 10.12
CA LEU A 7 11.49 15.52 11.21
C LEU A 7 10.87 15.92 12.54
N GLN A 8 10.51 17.19 12.67
CA GLN A 8 9.92 17.71 13.91
C GLN A 8 8.53 17.11 14.06
N ALA A 9 7.77 17.00 12.98
CA ALA A 9 6.43 16.46 13.04
C ALA A 9 6.43 15.00 13.49
N VAL A 10 7.37 14.23 12.95
CA VAL A 10 7.50 12.81 13.29
C VAL A 10 7.86 12.69 14.77
N LYS A 11 8.82 13.52 15.20
CA LYS A 11 9.24 13.52 16.59
C LYS A 11 8.08 13.78 17.53
N GLU A 12 7.30 14.81 17.23
CA GLU A 12 6.16 15.18 18.06
C GLU A 12 5.06 14.10 18.07
N ALA A 13 4.72 13.59 16.90
CA ALA A 13 3.69 12.55 16.79
C ALA A 13 4.10 11.40 17.70
N ARG A 14 5.38 11.07 17.62
CA ARG A 14 5.98 10.01 18.40
C ARG A 14 5.90 10.28 19.90
N GLU A 15 6.31 11.48 20.30
CA GLU A 15 6.31 11.84 21.72
C GLU A 15 4.92 12.10 22.33
N LEU A 16 3.98 12.62 21.55
CA LEU A 16 2.64 12.90 22.05
C LEU A 16 1.75 11.66 22.17
N ALA A 17 2.16 10.55 21.57
CA ALA A 17 1.35 9.34 21.61
C ALA A 17 1.60 8.54 22.88
N LYS A 18 0.52 8.27 23.62
CA LYS A 18 0.65 7.49 24.84
C LYS A 18 1.09 6.08 24.47
N PRO A 19 2.11 5.55 25.15
CA PRO A 19 2.61 4.20 24.88
C PRO A 19 1.52 3.15 24.95
N ARG A 20 1.69 2.08 24.17
CA ARG A 20 0.71 1.01 24.17
C ARG A 20 1.38 -0.34 23.99
N ASN A 21 0.62 -1.41 24.27
CA ASN A 21 1.13 -2.76 24.18
C ASN A 21 1.20 -3.35 22.78
N PHE A 22 1.55 -2.51 21.81
CA PHE A 22 1.69 -2.98 20.43
C PHE A 22 2.45 -1.92 19.63
N THR A 23 3.17 -2.37 18.61
CA THR A 23 3.95 -1.48 17.77
C THR A 23 3.01 -0.65 16.92
N GLN A 24 2.99 0.66 17.18
CA GLN A 24 2.12 1.55 16.43
C GLN A 24 2.74 1.92 15.09
N SER A 25 1.91 2.26 14.13
CA SER A 25 2.40 2.63 12.82
C SER A 25 2.26 4.13 12.61
N PHE A 26 3.13 4.68 11.78
CA PHE A 26 3.06 6.10 11.45
C PHE A 26 2.20 6.22 10.21
N GLU A 27 1.24 7.14 10.26
CA GLU A 27 0.35 7.39 9.13
C GLU A 27 0.63 8.83 8.71
N PHE A 28 0.71 9.07 7.39
CA PHE A 28 0.94 10.41 6.87
C PHE A 28 -0.38 10.87 6.27
N ILE A 29 -0.86 12.04 6.70
CA ILE A 29 -2.11 12.60 6.19
C ILE A 29 -1.87 13.92 5.49
N ALA A 30 -2.45 14.07 4.30
CA ALA A 30 -2.31 15.31 3.55
C ALA A 30 -3.63 15.71 2.93
N THR A 31 -4.01 16.97 3.13
CA THR A 31 -5.24 17.48 2.55
C THR A 31 -4.78 18.23 1.30
N LEU A 32 -5.62 18.29 0.28
CA LEU A 32 -5.26 18.94 -0.96
C LEU A 32 -6.10 20.18 -1.21
N LYS A 33 -5.49 21.20 -1.80
CA LYS A 33 -6.20 22.44 -2.11
C LYS A 33 -6.18 22.67 -3.60
N GLU A 34 -7.24 23.29 -4.11
CA GLU A 34 -7.35 23.61 -5.53
C GLU A 34 -7.21 22.40 -6.45
N ILE A 35 -7.80 21.29 -6.04
CA ILE A 35 -7.81 20.06 -6.83
C ILE A 35 -9.26 19.60 -6.83
N ASP A 36 -9.87 19.60 -8.02
CA ASP A 36 -11.27 19.20 -8.16
C ASP A 36 -11.37 17.68 -8.29
N MET A 37 -11.75 17.03 -7.20
CA MET A 37 -11.85 15.58 -7.18
C MET A 37 -13.04 15.00 -7.95
N ARG A 38 -13.84 15.88 -8.56
CA ARG A 38 -14.98 15.41 -9.35
C ARG A 38 -14.45 14.90 -10.66
N LYS A 39 -13.27 15.39 -11.04
CA LYS A 39 -12.61 14.96 -12.26
C LYS A 39 -11.78 13.73 -11.91
N PRO A 40 -12.12 12.56 -12.49
CA PRO A 40 -11.40 11.31 -12.24
C PRO A 40 -9.88 11.40 -12.38
N GLU A 41 -9.41 12.21 -13.32
CA GLU A 41 -7.97 12.36 -13.56
C GLU A 41 -7.24 12.95 -12.36
N ASN A 42 -7.95 13.73 -11.53
CA ASN A 42 -7.34 14.35 -10.36
C ASN A 42 -7.18 13.44 -9.15
N ARG A 43 -7.89 12.33 -9.17
CA ARG A 43 -7.83 11.38 -8.08
C ARG A 43 -6.53 10.61 -8.10
N ILE A 44 -6.10 10.17 -6.92
CA ILE A 44 -4.87 9.42 -6.83
C ILE A 44 -5.11 8.01 -6.34
N LYS A 45 -4.53 7.06 -7.05
CA LYS A 45 -4.62 5.64 -6.71
C LYS A 45 -3.32 5.12 -7.27
N THR A 46 -2.24 5.37 -6.54
CA THR A 46 -0.92 4.98 -7.00
C THR A 46 -0.14 4.26 -5.90
N GLU A 47 0.60 3.24 -6.32
CA GLU A 47 1.42 2.47 -5.40
C GLU A 47 2.70 3.27 -5.21
N VAL A 48 3.26 3.19 -4.01
CA VAL A 48 4.52 3.88 -3.74
C VAL A 48 5.42 2.89 -3.01
N VAL A 49 6.62 2.69 -3.52
CA VAL A 49 7.57 1.80 -2.87
C VAL A 49 8.27 2.66 -1.81
N LEU A 50 8.03 2.35 -0.55
CA LEU A 50 8.65 3.11 0.54
C LEU A 50 10.12 2.72 0.66
N PRO A 51 11.03 3.71 0.59
CA PRO A 51 12.47 3.47 0.68
C PRO A 51 12.86 2.52 1.81
N HIS A 52 12.26 2.70 3.00
CA HIS A 52 12.66 1.87 4.15
C HIS A 52 11.53 0.91 4.52
N GLY A 53 10.56 0.68 3.66
CA GLY A 53 9.52 -0.26 3.98
C GLY A 53 8.41 0.30 4.85
N ARG A 54 7.45 -0.56 5.16
CA ARG A 54 6.24 -0.22 5.91
C ARG A 54 6.45 -0.51 7.40
N GLY A 55 7.56 -1.12 7.76
CA GLY A 55 7.81 -1.50 9.13
C GLY A 55 7.72 -3.01 9.14
N LYS A 56 6.55 -3.51 8.75
CA LYS A 56 6.28 -4.94 8.64
C LYS A 56 6.04 -5.12 7.14
N GLU A 57 6.71 -6.08 6.52
CA GLU A 57 6.54 -6.28 5.08
C GLU A 57 5.10 -6.55 4.70
N ALA A 58 4.73 -6.14 3.49
CA ALA A 58 3.38 -6.38 3.02
C ALA A 58 3.31 -7.87 2.68
N LYS A 59 2.15 -8.47 2.85
CA LYS A 59 1.96 -9.90 2.57
C LYS A 59 1.49 -10.03 1.13
N ILE A 60 2.15 -10.92 0.37
CA ILE A 60 1.83 -11.12 -1.04
C ILE A 60 1.38 -12.54 -1.32
N ALA A 61 0.37 -12.68 -2.18
CA ALA A 61 -0.10 -14.01 -2.56
C ALA A 61 0.09 -14.13 -4.07
N VAL A 62 0.44 -15.32 -4.53
CA VAL A 62 0.66 -15.53 -5.95
C VAL A 62 -0.33 -16.57 -6.47
N ILE A 63 -1.05 -16.22 -7.52
CA ILE A 63 -2.00 -17.17 -8.10
C ILE A 63 -1.42 -17.59 -9.44
N GLY A 64 -1.09 -18.86 -9.56
CA GLY A 64 -0.52 -19.33 -10.81
C GLY A 64 -0.11 -20.78 -10.74
N THR A 65 0.62 -21.21 -11.77
CA THR A 65 1.09 -22.58 -11.84
C THR A 65 2.49 -22.59 -12.40
N GLY A 66 2.98 -23.78 -12.70
CA GLY A 66 4.31 -23.91 -13.26
C GLY A 66 5.39 -23.26 -12.41
N ASP A 67 6.31 -22.59 -13.08
CA ASP A 67 7.44 -21.95 -12.39
C ASP A 67 7.07 -20.68 -11.63
N LEU A 68 5.89 -20.14 -11.90
CA LEU A 68 5.47 -18.93 -11.20
C LEU A 68 5.17 -19.36 -9.77
N ALA A 69 4.47 -20.49 -9.65
CA ALA A 69 4.11 -21.04 -8.35
C ALA A 69 5.37 -21.49 -7.61
N LYS A 70 6.32 -22.04 -8.34
CA LYS A 70 7.57 -22.50 -7.74
C LYS A 70 8.31 -21.30 -7.15
N GLN A 71 8.42 -20.23 -7.92
CA GLN A 71 9.10 -19.02 -7.46
C GLN A 71 8.41 -18.48 -6.22
N ALA A 72 7.08 -18.49 -6.22
CA ALA A 72 6.35 -18.01 -5.07
C ALA A 72 6.72 -18.85 -3.84
N GLU A 73 6.82 -20.17 -4.01
CA GLU A 73 7.19 -21.04 -2.91
C GLU A 73 8.61 -20.72 -2.42
N GLU A 74 9.51 -20.47 -3.36
CA GLU A 74 10.89 -20.16 -3.04
C GLU A 74 11.01 -18.84 -2.28
N LEU A 75 10.12 -17.91 -2.58
CA LEU A 75 10.10 -16.61 -1.92
C LEU A 75 9.28 -16.63 -0.63
N GLY A 76 8.81 -17.81 -0.26
CA GLY A 76 8.03 -17.97 0.96
C GLY A 76 6.66 -17.29 0.93
N LEU A 77 6.08 -17.22 -0.26
CA LEU A 77 4.79 -16.57 -0.42
C LEU A 77 3.61 -17.54 -0.45
N THR A 78 2.43 -17.03 -0.16
CA THR A 78 1.22 -17.83 -0.22
C THR A 78 1.03 -18.13 -1.69
N VAL A 79 0.73 -19.40 -2.01
CA VAL A 79 0.51 -19.82 -3.38
C VAL A 79 -0.89 -20.38 -3.53
N ILE A 80 -1.56 -19.93 -4.59
CA ILE A 80 -2.90 -20.37 -4.92
C ILE A 80 -2.78 -20.94 -6.32
N ARG A 81 -2.89 -22.26 -6.44
CA ARG A 81 -2.77 -22.90 -7.74
C ARG A 81 -4.04 -22.73 -8.56
N LYS A 82 -3.93 -22.95 -9.87
CA LYS A 82 -5.05 -22.83 -10.78
C LYS A 82 -6.28 -23.60 -10.32
N GLU A 83 -6.08 -24.84 -9.87
CA GLU A 83 -7.18 -25.67 -9.41
C GLU A 83 -7.88 -25.13 -8.18
N GLU A 84 -7.17 -24.30 -7.40
CA GLU A 84 -7.75 -23.74 -6.19
C GLU A 84 -8.66 -22.56 -6.46
N ILE A 85 -8.56 -21.98 -7.66
CA ILE A 85 -9.36 -20.82 -8.00
C ILE A 85 -10.86 -21.07 -7.83
N GLU A 86 -11.37 -22.15 -8.40
CA GLU A 86 -12.80 -22.44 -8.25
C GLU A 86 -13.13 -22.90 -6.84
N GLU A 87 -12.19 -23.60 -6.20
CA GLU A 87 -12.41 -24.07 -4.83
C GLU A 87 -12.62 -22.86 -3.92
N LEU A 88 -11.83 -21.82 -4.15
CA LEU A 88 -11.94 -20.59 -3.36
C LEU A 88 -13.24 -19.87 -3.65
N GLY A 89 -13.67 -19.96 -4.90
CA GLY A 89 -14.92 -19.33 -5.30
C GLY A 89 -16.08 -19.94 -4.55
N LYS A 90 -15.98 -21.22 -4.21
CA LYS A 90 -17.04 -21.91 -3.47
C LYS A 90 -16.93 -21.71 -1.97
N ASN A 91 -15.75 -21.31 -1.51
CA ASN A 91 -15.53 -21.09 -0.10
C ASN A 91 -15.22 -19.60 0.10
N LYS A 92 -16.24 -18.75 -0.07
CA LYS A 92 -16.07 -17.31 0.06
C LYS A 92 -15.56 -16.94 1.44
N ARG A 93 -15.93 -17.72 2.45
CA ARG A 93 -15.48 -17.46 3.81
C ARG A 93 -13.95 -17.52 3.84
N LYS A 94 -13.40 -18.56 3.26
CA LYS A 94 -11.95 -18.74 3.22
C LYS A 94 -11.30 -17.69 2.30
N LEU A 95 -11.95 -17.41 1.19
CA LEU A 95 -11.45 -16.42 0.24
C LEU A 95 -11.37 -15.04 0.89
N ARG A 96 -12.36 -14.71 1.72
CA ARG A 96 -12.33 -13.41 2.40
C ARG A 96 -11.16 -13.42 3.38
N LYS A 97 -10.95 -14.56 4.02
CA LYS A 97 -9.88 -14.71 5.00
C LYS A 97 -8.53 -14.47 4.31
N ILE A 98 -8.38 -15.05 3.12
CA ILE A 98 -7.16 -14.91 2.32
C ILE A 98 -7.00 -13.48 1.83
N ALA A 99 -8.13 -12.87 1.47
CA ALA A 99 -8.11 -11.50 0.98
C ALA A 99 -7.63 -10.56 2.10
N LYS A 100 -8.19 -10.75 3.29
CA LYS A 100 -7.83 -9.93 4.43
C LYS A 100 -6.39 -10.17 4.88
N ALA A 101 -5.91 -11.40 4.74
CA ALA A 101 -4.55 -11.75 5.16
C ALA A 101 -3.43 -11.32 4.21
N HIS A 102 -3.79 -10.77 3.05
CA HIS A 102 -2.75 -10.34 2.11
C HIS A 102 -3.01 -8.94 1.60
N ASP A 103 -1.93 -8.20 1.39
CA ASP A 103 -2.00 -6.83 0.90
C ASP A 103 -2.00 -6.75 -0.62
N PHE A 104 -1.28 -7.66 -1.27
CA PHE A 104 -1.20 -7.67 -2.71
C PHE A 104 -1.24 -9.08 -3.29
N PHE A 105 -1.78 -9.17 -4.50
CA PHE A 105 -1.86 -10.45 -5.20
C PHE A 105 -1.17 -10.28 -6.53
N ILE A 106 -0.48 -11.34 -6.95
CA ILE A 106 0.20 -11.38 -8.24
C ILE A 106 -0.44 -12.59 -8.92
N ALA A 107 -0.65 -12.52 -10.23
CA ALA A 107 -1.26 -13.64 -10.92
C ALA A 107 -0.76 -13.81 -12.35
N GLN A 108 -0.67 -15.08 -12.74
CA GLN A 108 -0.27 -15.47 -14.08
C GLN A 108 -1.29 -14.81 -15.00
N ALA A 109 -0.82 -14.02 -15.96
CA ALA A 109 -1.70 -13.30 -16.87
C ALA A 109 -2.82 -14.11 -17.52
N ASP A 110 -2.51 -15.29 -18.05
CA ASP A 110 -3.53 -16.10 -18.70
C ASP A 110 -4.60 -16.64 -17.75
N LEU A 111 -4.46 -16.37 -16.46
CA LEU A 111 -5.44 -16.83 -15.50
C LEU A 111 -6.37 -15.73 -15.02
N MET A 112 -6.09 -14.50 -15.42
CA MET A 112 -6.90 -13.37 -14.99
C MET A 112 -8.40 -13.51 -15.26
N PRO A 113 -8.77 -14.07 -16.42
CA PRO A 113 -10.21 -14.22 -16.67
C PRO A 113 -10.84 -15.15 -15.64
N LEU A 114 -10.19 -16.29 -15.40
CA LEU A 114 -10.68 -17.25 -14.42
C LEU A 114 -10.75 -16.64 -13.02
N ILE A 115 -9.70 -15.94 -12.64
CA ILE A 115 -9.64 -15.31 -11.33
C ILE A 115 -10.77 -14.27 -11.16
N GLY A 116 -10.96 -13.43 -12.16
CA GLY A 116 -12.01 -12.44 -12.07
C GLY A 116 -13.38 -13.10 -11.96
N ARG A 117 -13.56 -14.19 -12.69
CA ARG A 117 -14.84 -14.92 -12.69
C ARG A 117 -15.18 -15.59 -11.36
N TYR A 118 -14.19 -16.16 -10.67
CA TYR A 118 -14.47 -16.84 -9.41
C TYR A 118 -14.04 -16.14 -8.12
N MET A 119 -13.00 -15.33 -8.20
CA MET A 119 -12.48 -14.65 -7.02
C MET A 119 -12.71 -13.14 -7.02
N GLY A 120 -12.96 -12.58 -8.20
CA GLY A 120 -13.15 -11.15 -8.33
C GLY A 120 -14.23 -10.53 -7.46
N VAL A 121 -15.29 -11.29 -7.20
CA VAL A 121 -16.39 -10.80 -6.39
C VAL A 121 -15.92 -10.45 -4.99
N ILE A 122 -14.79 -11.04 -4.58
CA ILE A 122 -14.22 -10.79 -3.26
C ILE A 122 -13.03 -9.83 -3.34
N LEU A 123 -12.10 -10.09 -4.27
CA LEU A 123 -10.91 -9.26 -4.42
C LEU A 123 -11.19 -7.87 -4.99
N GLY A 124 -12.05 -7.80 -5.99
CA GLY A 124 -12.35 -6.52 -6.62
C GLY A 124 -12.80 -5.41 -5.68
N PRO A 125 -13.88 -5.62 -4.91
CA PRO A 125 -14.37 -4.61 -3.98
C PRO A 125 -13.34 -4.22 -2.93
N ARG A 126 -12.37 -5.08 -2.72
CA ARG A 126 -11.33 -4.83 -1.72
C ARG A 126 -10.07 -4.24 -2.30
N GLY A 127 -10.12 -3.93 -3.60
CA GLY A 127 -8.96 -3.36 -4.27
C GLY A 127 -7.80 -4.34 -4.34
N LYS A 128 -8.10 -5.63 -4.23
CA LYS A 128 -7.05 -6.64 -4.25
C LYS A 128 -6.99 -7.56 -5.47
N MET A 129 -7.50 -7.10 -6.61
CA MET A 129 -7.39 -7.93 -7.81
C MET A 129 -5.87 -8.02 -8.04
N PRO A 130 -5.40 -9.15 -8.58
CA PRO A 130 -3.99 -9.39 -8.86
C PRO A 130 -3.34 -8.53 -9.93
N LYS A 131 -2.04 -8.31 -9.78
CA LYS A 131 -1.28 -7.60 -10.80
C LYS A 131 -0.84 -8.74 -11.70
N PRO A 132 -1.21 -8.69 -12.99
CA PRO A 132 -0.81 -9.76 -13.90
C PRO A 132 0.64 -9.71 -14.32
N VAL A 133 1.22 -10.89 -14.55
CA VAL A 133 2.60 -11.01 -15.00
C VAL A 133 2.67 -12.20 -15.97
N PRO A 134 3.54 -12.11 -16.98
CA PRO A 134 3.66 -13.23 -17.93
C PRO A 134 3.98 -14.52 -17.16
N ALA A 135 3.48 -15.66 -17.66
CA ALA A 135 3.71 -16.94 -17.00
C ALA A 135 5.19 -17.30 -16.86
N ASN A 136 6.03 -16.67 -17.67
CA ASN A 136 7.46 -16.95 -17.65
C ASN A 136 8.24 -15.86 -16.91
N ALA A 137 7.51 -14.95 -16.28
CA ALA A 137 8.15 -13.84 -15.58
C ALA A 137 8.95 -14.20 -14.32
N ASN A 138 9.99 -13.42 -14.08
CA ASN A 138 10.81 -13.56 -12.89
C ASN A 138 10.16 -12.56 -11.94
N ILE A 139 9.49 -13.06 -10.91
CA ILE A 139 8.78 -12.18 -9.98
C ILE A 139 9.53 -11.67 -8.76
N LYS A 140 10.77 -12.11 -8.56
CA LYS A 140 11.49 -11.64 -7.38
C LYS A 140 11.54 -10.11 -7.29
N PRO A 141 11.94 -9.43 -8.38
CA PRO A 141 11.98 -7.97 -8.30
C PRO A 141 10.64 -7.35 -7.91
N LEU A 142 9.56 -7.81 -8.55
CA LEU A 142 8.23 -7.30 -8.24
C LEU A 142 7.85 -7.56 -6.79
N VAL A 143 8.15 -8.76 -6.30
CA VAL A 143 7.83 -9.13 -4.93
C VAL A 143 8.61 -8.25 -3.95
N GLU A 144 9.87 -8.00 -4.26
CA GLU A 144 10.71 -7.16 -3.40
C GLU A 144 10.07 -5.79 -3.26
N ARG A 145 9.67 -5.20 -4.38
CA ARG A 145 9.03 -3.89 -4.37
C ARG A 145 7.70 -3.89 -3.64
N LEU A 146 6.86 -4.88 -3.92
CA LEU A 146 5.56 -4.96 -3.27
C LEU A 146 5.63 -5.09 -1.75
N LYS A 147 6.63 -5.80 -1.25
CA LYS A 147 6.79 -5.97 0.19
C LYS A 147 6.96 -4.61 0.90
N LYS A 148 7.43 -3.61 0.16
CA LYS A 148 7.65 -2.27 0.71
C LYS A 148 6.68 -1.24 0.13
N THR A 149 5.65 -1.74 -0.54
CA THR A 149 4.66 -0.88 -1.19
C THR A 149 3.43 -0.51 -0.38
N VAL A 150 3.00 0.74 -0.51
CA VAL A 150 1.78 1.21 0.14
C VAL A 150 1.00 1.90 -0.96
N VAL A 151 -0.30 2.07 -0.76
CA VAL A 151 -1.11 2.70 -1.80
C VAL A 151 -1.72 4.02 -1.35
N ILE A 152 -1.54 5.05 -2.17
CA ILE A 152 -2.12 6.35 -1.91
C ILE A 152 -3.44 6.27 -2.66
N ASN A 153 -4.54 6.46 -1.94
CA ASN A 153 -5.86 6.42 -2.56
C ASN A 153 -6.73 7.54 -2.00
N THR A 154 -7.02 8.53 -2.84
CA THR A 154 -7.84 9.64 -2.41
C THR A 154 -9.33 9.37 -2.64
N ARG A 155 -9.57 8.36 -3.49
CA ARG A 155 -10.98 8.20 -3.88
C ARG A 155 -11.52 9.51 -4.45
N ASP A 156 -12.68 9.92 -4.16
CA ASP A 156 -13.16 11.20 -4.67
C ASP A 156 -13.14 12.32 -3.64
N LYS A 157 -12.22 12.24 -2.69
CA LYS A 157 -12.06 13.25 -1.64
C LYS A 157 -10.69 13.91 -1.74
N PRO A 158 -10.61 15.21 -1.44
CA PRO A 158 -9.38 16.00 -1.49
C PRO A 158 -8.40 15.76 -0.34
N TYR A 159 -8.02 14.50 -0.14
CA TYR A 159 -7.07 14.16 0.92
C TYR A 159 -6.78 12.67 0.90
N PHE A 160 -5.71 12.29 1.58
CA PHE A 160 -5.35 10.89 1.66
C PHE A 160 -4.57 10.63 2.95
N GLN A 161 -4.62 9.38 3.40
CA GLN A 161 -3.90 8.97 4.59
C GLN A 161 -3.20 7.69 4.17
N VAL A 162 -1.92 7.59 4.45
CA VAL A 162 -1.17 6.42 4.05
C VAL A 162 -0.11 6.02 5.06
N LEU A 163 0.11 4.72 5.16
CA LEU A 163 1.09 4.13 6.06
C LEU A 163 2.50 4.52 5.60
N VAL A 164 3.34 4.96 6.53
CA VAL A 164 4.70 5.34 6.14
C VAL A 164 5.79 4.69 7.00
N GLY A 165 5.41 3.71 7.82
CA GLY A 165 6.37 3.02 8.67
C GLY A 165 5.82 2.75 10.04
N ASN A 166 6.68 2.38 11.00
CA ASN A 166 6.20 2.15 12.36
C ASN A 166 7.22 2.68 13.36
N GLU A 167 6.85 2.70 14.64
CA GLU A 167 7.73 3.24 15.66
C GLU A 167 9.06 2.54 15.91
N LYS A 168 9.27 1.38 15.30
CA LYS A 168 10.52 0.65 15.47
C LYS A 168 11.56 1.22 14.51
N MET A 169 11.09 2.00 13.55
CA MET A 169 11.98 2.61 12.58
C MET A 169 12.40 3.99 13.10
N THR A 170 13.45 4.55 12.50
CA THR A 170 13.95 5.85 12.93
C THR A 170 13.16 6.97 12.28
N ASP A 171 13.22 8.14 12.89
CA ASP A 171 12.52 9.31 12.36
C ASP A 171 13.04 9.65 10.98
N GLU A 172 14.33 9.45 10.76
CA GLU A 172 14.96 9.71 9.47
C GLU A 172 14.33 8.84 8.39
N GLN A 173 14.08 7.58 8.72
CA GLN A 173 13.48 6.64 7.77
C GLN A 173 12.04 7.01 7.47
N ILE A 174 11.31 7.39 8.50
CA ILE A 174 9.91 7.79 8.35
C ILE A 174 9.82 9.00 7.42
N VAL A 175 10.72 9.98 7.60
CA VAL A 175 10.71 11.17 6.76
C VAL A 175 11.08 10.80 5.31
N ASP A 176 12.06 9.90 5.15
CA ASP A 176 12.45 9.49 3.81
C ASP A 176 11.21 8.86 3.14
N ASN A 177 10.48 8.05 3.90
CA ASN A 177 9.28 7.39 3.38
C ASN A 177 8.23 8.44 3.01
N ILE A 178 8.01 9.40 3.89
CA ILE A 178 7.05 10.47 3.65
C ILE A 178 7.43 11.24 2.39
N GLU A 179 8.74 11.44 2.17
CA GLU A 179 9.19 12.15 0.98
C GLU A 179 8.83 11.36 -0.28
N ALA A 180 8.90 10.04 -0.19
CA ALA A 180 8.56 9.20 -1.35
C ALA A 180 7.08 9.38 -1.65
N VAL A 181 6.26 9.47 -0.61
CA VAL A 181 4.82 9.66 -0.76
C VAL A 181 4.56 11.02 -1.40
N LEU A 182 5.26 12.05 -0.90
CA LEU A 182 5.08 13.39 -1.44
C LEU A 182 5.50 13.51 -2.91
N ASN A 183 6.50 12.74 -3.31
CA ASN A 183 6.98 12.78 -4.68
C ASN A 183 5.86 12.39 -5.66
N VAL A 184 4.92 11.58 -5.20
CA VAL A 184 3.80 11.16 -6.04
C VAL A 184 2.94 12.38 -6.35
N VAL A 185 2.60 13.15 -5.32
CA VAL A 185 1.79 14.34 -5.51
C VAL A 185 2.59 15.33 -6.36
N ALA A 186 3.89 15.40 -6.13
CA ALA A 186 4.74 16.31 -6.88
C ALA A 186 4.67 16.05 -8.37
N LYS A 187 4.70 14.77 -8.75
CA LYS A 187 4.66 14.38 -10.15
C LYS A 187 3.27 14.30 -10.78
N LYS A 188 2.23 14.20 -9.96
CA LYS A 188 0.89 14.11 -10.51
C LYS A 188 0.31 15.42 -10.99
N TYR A 189 0.47 16.47 -10.19
CA TYR A 189 -0.08 17.78 -10.55
C TYR A 189 0.96 18.75 -11.10
N GLU A 190 0.52 19.62 -11.99
CA GLU A 190 1.39 20.62 -12.60
C GLU A 190 2.11 21.49 -11.57
N LYS A 191 1.39 21.91 -10.53
CA LYS A 191 1.95 22.77 -9.48
C LYS A 191 2.51 21.90 -8.34
N GLY A 192 2.40 20.59 -8.48
CA GLY A 192 2.90 19.67 -7.47
C GLY A 192 2.48 19.88 -6.04
N LEU A 193 3.47 20.00 -5.15
CA LEU A 193 3.24 20.09 -3.70
C LEU A 193 2.55 21.42 -3.37
N TYR A 194 2.29 22.29 -4.32
CA TYR A 194 1.60 23.53 -4.04
C TYR A 194 0.20 23.16 -3.58
N HIS A 195 -0.28 22.02 -4.07
CA HIS A 195 -1.60 21.55 -3.73
C HIS A 195 -1.78 20.93 -2.33
N ILE A 196 -0.69 20.76 -1.59
CA ILE A 196 -0.81 20.23 -0.24
C ILE A 196 -1.31 21.36 0.63
N LYS A 197 -2.52 21.24 1.18
CA LYS A 197 -3.07 22.28 2.03
C LYS A 197 -2.44 22.18 3.42
N ASP A 198 -2.63 21.03 4.06
CA ASP A 198 -2.08 20.75 5.38
C ASP A 198 -1.57 19.30 5.39
N ALA A 199 -0.50 19.06 6.14
CA ALA A 199 0.05 17.70 6.26
C ALA A 199 0.15 17.35 7.73
N TYR A 200 -0.08 16.08 8.04
CA TYR A 200 -0.01 15.62 9.42
C TYR A 200 0.68 14.27 9.52
N VAL A 201 1.20 13.99 10.71
CA VAL A 201 1.85 12.73 11.00
C VAL A 201 1.24 12.25 12.31
N LYS A 202 0.93 10.96 12.39
CA LYS A 202 0.37 10.43 13.62
C LYS A 202 0.70 8.97 13.78
N LEU A 203 0.66 8.51 15.02
CA LEU A 203 0.88 7.11 15.29
C LEU A 203 -0.52 6.55 15.39
N THR A 204 -0.65 5.26 15.11
CA THR A 204 -1.94 4.58 15.14
C THR A 204 -2.93 5.16 16.13
N MET A 205 -2.54 5.23 17.41
CA MET A 205 -3.47 5.72 18.43
C MET A 205 -2.94 7.02 19.04
N GLY A 206 -2.14 7.76 18.33
CA GLY A 206 -1.64 9.02 18.83
C GLY A 206 -2.34 10.17 18.13
N PRO A 207 -2.17 11.41 18.62
CA PRO A 207 -2.80 12.57 17.99
C PRO A 207 -2.11 12.97 16.69
N ALA A 208 -2.88 13.49 15.74
CA ALA A 208 -2.31 13.92 14.48
C ALA A 208 -1.57 15.23 14.73
N VAL A 209 -0.33 15.30 14.26
CA VAL A 209 0.48 16.50 14.42
C VAL A 209 0.70 17.17 13.07
N LYS A 210 0.29 18.44 12.99
CA LYS A 210 0.42 19.19 11.76
C LYS A 210 1.87 19.58 11.47
N VAL A 211 2.29 19.36 10.23
CA VAL A 211 3.64 19.68 9.79
C VAL A 211 3.78 21.18 9.56
N LYS A 212 4.94 21.72 9.94
CA LYS A 212 5.25 23.13 9.76
C LYS A 212 4.19 24.03 10.39
C1 PTL B . -2.99 -0.10 25.66
O1 PTL B . -2.08 -0.70 24.99
C2 PTL B . -3.49 -0.74 26.93
C3 PTL B . -4.69 -1.63 26.70
C4 PTL B . -5.73 -1.53 27.80
C5 PTL B . -5.24 -1.91 29.19
#